data_5SM2
#
_entry.id   5SM2
#
_cell.length_a   67.646
_cell.length_b   67.430
_cell.length_c   138.520
_cell.angle_alpha   90.000
_cell.angle_beta   90.000
_cell.angle_gamma   90.000
#
_symmetry.space_group_name_H-M   'P 21 21 21'
#
loop_
_entity.id
_entity.type
_entity.pdbx_description
1 polymer 'Proofreading exoribonuclease nsp14'
2 non-polymer 'ZINC ION'
3 non-polymer 'PHOSPHATE ION'
4 non-polymer (5S)-5-(difluoromethoxy)pyridin-2(5H)-one
5 water water
#
_entity_poly.entity_id   1
_entity_poly.type   'polypeptide(L)'
_entity_poly.pdbx_seq_one_letter_code
;SMLFKDCSKVITGLHPTQAPTHLSVDTKFKTEGLCVDIPGIPKDMTYRRLISMMGFKMNYQVNGYPNMFITREEAIRHVR
AWIGFDVEGCHATREAVGTNLPLQLGFSTGVNLVAVPTGYVDTPNNTDFSRVSAKPPPGDQFKHLIPLMYKGLPWNVVRI
KIVQMLSDTLKNLSDRVVFVLWAHGFELTSMKYFVKIGPERTCCLCDRRATCFSTASDTYACWHHSIGFDYVYNPFMIDV
QQWGFTGNLQSNHDLYCQVHGNAHVASCDAIMTRCLAVHECFVKRVDWTIEYPIIGDELKINAACRKVQHMVVKAALLAD
KFPVLHDIGNPKAIKCVPQADVEWKFYDAQPCSDKAYKIEELFYSYATHSDKFTDGVCLFWNCNVDRYPANSIVCRFDTR
VLSNLNLPGCDGGSLYVNKHAFHTPAFDKSAFVNLKQLPFFYYSDSPCESHGKQVVSDIDYVPLKSATCITRCNLGGAVC
RHHANEYRLYLDAYNMMISAGFSLWVYKQFDTYNLWNTFTRLQ
;
_entity_poly.pdbx_strand_id   D
#
loop_
_chem_comp.id
_chem_comp.type
_chem_comp.name
_chem_comp.formula
LQ3 non-polymer (5S)-5-(difluoromethoxy)pyridin-2(5H)-one 'C6 H5 F2 N O2'
PO4 non-polymer 'PHOSPHATE ION' 'O4 P -3'
ZN non-polymer 'ZINC ION' 'Zn 2'
#
# COMPACT_ATOMS: atom_id res chain seq x y z
N PRO A 20 12.89 -9.53 -23.32
CA PRO A 20 12.45 -8.17 -22.98
C PRO A 20 11.85 -8.07 -21.58
N THR A 21 12.66 -8.41 -20.58
CA THR A 21 12.25 -8.34 -19.18
C THR A 21 12.90 -7.12 -18.52
N HIS A 22 14.18 -6.85 -18.84
CA HIS A 22 14.88 -5.68 -18.27
C HIS A 22 14.94 -4.51 -19.27
N LEU A 23 15.34 -3.32 -18.80
CA LEU A 23 15.47 -2.15 -19.67
C LEU A 23 16.85 -2.20 -20.31
N SER A 24 16.92 -2.22 -21.67
CA SER A 24 18.22 -2.27 -22.35
C SER A 24 19.02 -1.01 -22.02
N VAL A 25 20.31 -1.15 -21.68
CA VAL A 25 21.16 0.04 -21.48
C VAL A 25 21.28 0.86 -22.78
N ASP A 26 21.00 0.25 -23.96
CA ASP A 26 21.08 0.98 -25.22
C ASP A 26 19.78 1.69 -25.60
N THR A 27 18.76 1.71 -24.70
CA THR A 27 17.51 2.44 -24.90
C THR A 27 17.86 3.94 -24.83
N LYS A 28 17.19 4.77 -25.63
CA LYS A 28 17.40 6.20 -25.60
C LYS A 28 16.78 6.82 -24.34
N PHE A 29 17.47 7.80 -23.78
CA PHE A 29 17.03 8.55 -22.62
C PHE A 29 16.86 10.00 -23.13
N LYS A 30 15.65 10.58 -22.99
CA LYS A 30 15.40 11.96 -23.41
C LYS A 30 16.07 12.87 -22.35
N THR A 31 16.95 13.77 -22.78
CA THR A 31 17.75 14.62 -21.90
C THR A 31 17.26 16.06 -21.73
N GLU A 32 16.16 16.46 -22.36
CA GLU A 32 15.64 17.83 -22.26
C GLU A 32 15.40 18.31 -20.79
N GLY A 33 14.91 17.44 -19.93
CA GLY A 33 14.71 17.75 -18.52
C GLY A 33 15.98 17.97 -17.72
N LEU A 34 17.13 17.54 -18.27
CA LEU A 34 18.45 17.62 -17.64
C LEU A 34 19.26 18.85 -18.05
N CYS A 35 18.89 19.55 -19.12
CA CYS A 35 19.75 20.58 -19.70
C CYS A 35 19.85 21.93 -18.94
N VAL A 36 19.05 22.17 -17.92
CA VAL A 36 19.22 23.41 -17.12
C VAL A 36 20.34 23.17 -16.09
N ASP A 37 20.34 22.00 -15.43
CA ASP A 37 21.42 21.63 -14.50
C ASP A 37 22.68 21.23 -15.29
N ILE A 38 22.50 20.57 -16.46
CA ILE A 38 23.60 20.11 -17.31
C ILE A 38 23.54 20.76 -18.70
N PRO A 39 23.89 22.06 -18.83
CA PRO A 39 23.83 22.69 -20.16
C PRO A 39 24.80 22.06 -21.15
N GLY A 40 24.35 21.94 -22.39
CA GLY A 40 25.15 21.35 -23.45
C GLY A 40 24.99 19.84 -23.54
N ILE A 41 24.15 19.23 -22.66
CA ILE A 41 23.94 17.78 -22.66
C ILE A 41 23.47 17.31 -24.05
N PRO A 42 24.05 16.22 -24.60
CA PRO A 42 23.64 15.76 -25.93
C PRO A 42 22.19 15.33 -25.93
N LYS A 43 21.49 15.66 -27.03
CA LYS A 43 20.10 15.27 -27.22
C LYS A 43 20.01 13.74 -27.41
N ASP A 44 21.00 13.17 -28.12
CA ASP A 44 21.10 11.75 -28.39
C ASP A 44 21.85 11.16 -27.20
N MET A 45 21.19 10.32 -26.41
CA MET A 45 21.78 9.79 -25.20
C MET A 45 21.18 8.43 -24.87
N THR A 46 21.99 7.47 -24.47
CA THR A 46 21.48 6.16 -24.04
C THR A 46 21.66 6.05 -22.53
N TYR A 47 21.01 5.04 -21.91
CA TYR A 47 21.22 4.75 -20.51
C TYR A 47 22.70 4.42 -20.26
N ARG A 48 23.34 3.71 -21.20
CA ARG A 48 24.75 3.34 -21.18
C ARG A 48 25.63 4.58 -21.02
N ARG A 49 25.42 5.60 -21.86
CA ARG A 49 26.20 6.84 -21.77
C ARG A 49 25.86 7.67 -20.51
N LEU A 50 24.56 7.70 -20.11
CA LEU A 50 24.10 8.41 -18.91
C LEU A 50 24.74 7.80 -17.66
N ILE A 51 24.77 6.46 -17.57
CA ILE A 51 25.36 5.77 -16.41
C ILE A 51 26.86 6.08 -16.30
N SER A 52 27.54 6.17 -17.45
CA SER A 52 28.95 6.53 -17.51
C SER A 52 29.16 7.99 -17.03
N MET A 53 28.28 8.89 -17.46
CA MET A 53 28.28 10.30 -17.08
C MET A 53 28.04 10.46 -15.56
N MET A 54 27.22 9.57 -14.99
CA MET A 54 26.96 9.57 -13.55
C MET A 54 28.17 9.01 -12.73
N GLY A 55 29.23 8.57 -13.42
CA GLY A 55 30.42 8.02 -12.80
C GLY A 55 30.35 6.53 -12.54
N PHE A 56 29.42 5.79 -13.18
CA PHE A 56 29.27 4.36 -12.91
C PHE A 56 29.64 3.40 -14.05
N LYS A 57 30.47 3.82 -14.99
CA LYS A 57 30.87 2.95 -16.11
C LYS A 57 31.53 1.62 -15.61
N MET A 58 31.04 0.48 -16.14
CA MET A 58 31.56 -0.87 -15.87
C MET A 58 32.00 -1.53 -17.20
N ASN A 59 32.90 -2.53 -17.12
CA ASN A 59 33.40 -3.19 -18.33
C ASN A 59 32.69 -4.50 -18.67
N TYR A 60 31.97 -5.08 -17.71
CA TYR A 60 31.28 -6.36 -17.93
C TYR A 60 29.80 -6.29 -17.51
N GLN A 61 28.98 -7.18 -18.07
CA GLN A 61 27.56 -7.30 -17.74
C GLN A 61 27.46 -7.97 -16.39
N VAL A 62 26.68 -7.38 -15.48
CA VAL A 62 26.50 -7.96 -14.15
C VAL A 62 25.19 -8.75 -14.18
N ASN A 63 25.24 -10.05 -13.85
CA ASN A 63 24.01 -10.85 -13.81
C ASN A 63 23.12 -10.36 -12.67
N GLY A 64 21.84 -10.21 -12.97
CA GLY A 64 20.89 -9.69 -12.00
C GLY A 64 20.87 -8.18 -11.90
N TYR A 65 21.94 -7.50 -12.42
CA TYR A 65 22.03 -6.04 -12.39
C TYR A 65 22.44 -5.47 -13.78
N PRO A 66 21.67 -5.72 -14.86
CA PRO A 66 22.11 -5.22 -16.20
C PRO A 66 21.98 -3.72 -16.41
N ASN A 67 21.15 -3.06 -15.62
CA ASN A 67 20.93 -1.63 -15.73
C ASN A 67 20.47 -1.06 -14.35
N MET A 68 20.97 0.12 -13.97
CA MET A 68 20.58 0.86 -12.77
C MET A 68 19.09 1.29 -12.92
N PHE A 69 18.69 1.63 -14.16
CA PHE A 69 17.36 2.04 -14.53
C PHE A 69 16.50 0.83 -14.90
N ILE A 70 15.23 0.92 -14.58
CA ILE A 70 14.27 -0.16 -14.81
C ILE A 70 13.05 0.29 -15.61
N THR A 71 12.31 -0.66 -16.21
CA THR A 71 11.09 -0.40 -16.95
C THR A 71 9.93 0.01 -16.01
N ARG A 72 8.88 0.60 -16.55
CA ARG A 72 7.65 0.94 -15.81
C ARG A 72 7.03 -0.34 -15.24
N GLU A 73 7.07 -1.46 -16.01
CA GLU A 73 6.52 -2.75 -15.58
C GLU A 73 7.33 -3.32 -14.40
N GLU A 74 8.68 -3.22 -14.43
CA GLU A 74 9.49 -3.69 -13.31
C GLU A 74 9.28 -2.80 -12.08
N ALA A 75 9.09 -1.47 -12.29
CA ALA A 75 8.82 -0.54 -11.19
C ALA A 75 7.50 -0.89 -10.47
N ILE A 76 6.46 -1.24 -11.24
CA ILE A 76 5.14 -1.61 -10.69
C ILE A 76 5.27 -2.89 -9.88
N ARG A 77 6.04 -3.88 -10.38
CA ARG A 77 6.24 -5.11 -9.60
C ARG A 77 6.96 -4.84 -8.28
N HIS A 78 7.75 -3.76 -8.21
CA HIS A 78 8.52 -3.42 -7.03
C HIS A 78 8.06 -2.12 -6.39
N VAL A 79 6.74 -1.84 -6.45
CA VAL A 79 6.18 -0.61 -5.85
C VAL A 79 6.53 -0.44 -4.34
N ARG A 80 6.67 -1.55 -3.56
CA ARG A 80 7.04 -1.43 -2.14
C ARG A 80 8.42 -0.80 -1.91
N ALA A 81 9.30 -0.90 -2.93
CA ALA A 81 10.66 -0.34 -2.89
C ALA A 81 10.69 1.14 -3.29
N TRP A 82 9.55 1.75 -3.73
CA TRP A 82 9.62 3.12 -4.26
C TRP A 82 9.90 4.16 -3.21
N ILE A 83 10.96 4.93 -3.45
CA ILE A 83 11.36 6.06 -2.64
C ILE A 83 11.56 7.22 -3.59
N GLY A 84 10.71 8.24 -3.48
CA GLY A 84 10.86 9.46 -4.26
C GLY A 84 12.14 10.15 -3.83
N PHE A 85 12.86 10.72 -4.79
CA PHE A 85 14.15 11.35 -4.51
C PHE A 85 14.35 12.58 -5.41
N ASP A 86 14.67 13.71 -4.77
CA ASP A 86 14.92 14.95 -5.48
C ASP A 86 16.15 15.62 -4.89
N VAL A 87 16.92 16.33 -5.74
CA VAL A 87 18.07 17.08 -5.26
C VAL A 87 17.92 18.49 -5.80
N GLU A 88 17.97 19.47 -4.90
CA GLU A 88 17.91 20.86 -5.29
C GLU A 88 19.23 21.53 -5.00
N GLY A 89 19.70 22.36 -5.92
CA GLY A 89 20.92 23.13 -5.72
C GLY A 89 20.64 24.17 -4.65
N CYS A 90 21.02 23.86 -3.39
CA CYS A 90 20.77 24.73 -2.25
C CYS A 90 21.36 26.14 -2.48
N HIS A 91 22.49 26.23 -3.19
CA HIS A 91 23.11 27.51 -3.50
C HIS A 91 23.77 27.44 -4.88
N GLY A 98 26.87 21.57 -7.31
CA GLY A 98 27.82 21.49 -8.41
C GLY A 98 29.27 21.48 -7.95
N THR A 99 29.57 20.65 -6.90
CA THR A 99 30.88 20.47 -6.23
C THR A 99 31.32 21.73 -5.44
N ASN A 100 30.81 22.90 -5.81
CA ASN A 100 31.14 24.15 -5.13
C ASN A 100 30.05 24.57 -4.14
N LEU A 101 28.79 24.21 -4.41
CA LEU A 101 27.64 24.60 -3.61
C LEU A 101 26.98 23.47 -2.81
N PRO A 102 26.28 23.82 -1.72
CA PRO A 102 25.56 22.78 -0.95
C PRO A 102 24.35 22.25 -1.73
N LEU A 103 23.98 20.98 -1.51
CA LEU A 103 22.85 20.36 -2.18
C LEU A 103 21.82 19.95 -1.12
N GLN A 104 20.53 20.10 -1.45
CA GLN A 104 19.46 19.68 -0.56
C GLN A 104 18.88 18.40 -1.14
N LEU A 105 19.04 17.32 -0.42
CA LEU A 105 18.61 15.96 -0.79
C LEU A 105 17.27 15.71 -0.13
N GLY A 106 16.26 15.45 -0.93
CA GLY A 106 14.91 15.21 -0.42
C GLY A 106 14.42 13.84 -0.79
N PHE A 107 13.67 13.23 0.11
CA PHE A 107 13.14 11.88 -0.01
C PHE A 107 11.64 11.87 0.29
N SER A 108 10.87 10.95 -0.33
CA SER A 108 9.43 10.87 -0.09
C SER A 108 9.08 10.43 1.38
N THR A 109 10.08 10.06 2.20
CA THR A 109 9.87 9.85 3.64
C THR A 109 9.68 11.22 4.38
N GLY A 110 9.84 12.35 3.67
CA GLY A 110 9.74 13.69 4.24
C GLY A 110 11.07 14.26 4.71
N VAL A 111 12.14 13.50 4.59
CA VAL A 111 13.46 13.91 5.05
C VAL A 111 14.22 14.80 4.05
N ASN A 112 14.83 15.90 4.56
CA ASN A 112 15.71 16.77 3.79
C ASN A 112 17.05 16.81 4.47
N LEU A 113 18.11 16.40 3.75
CA LEU A 113 19.48 16.44 4.21
C LEU A 113 20.25 17.44 3.38
N VAL A 114 21.07 18.28 4.00
CA VAL A 114 21.93 19.21 3.25
C VAL A 114 23.35 18.64 3.24
N ALA A 115 23.90 18.43 2.03
CA ALA A 115 25.26 17.94 1.85
C ALA A 115 26.18 19.07 1.39
N VAL A 116 27.24 19.34 2.17
CA VAL A 116 28.23 20.36 1.85
C VAL A 116 29.50 19.68 1.32
N PRO A 117 30.18 20.30 0.33
CA PRO A 117 31.36 19.66 -0.25
C PRO A 117 32.67 19.88 0.49
N THR A 118 32.62 20.45 1.71
CA THR A 118 33.81 20.73 2.51
C THR A 118 34.59 19.47 2.86
N PRO A 147 8.64 16.75 6.23
CA PRO A 147 9.02 18.15 6.45
C PRO A 147 10.27 18.34 7.34
N LEU A 148 11.04 17.27 7.58
CA LEU A 148 12.23 17.33 8.43
C LEU A 148 13.40 18.00 7.70
N MET A 149 14.01 19.04 8.29
CA MET A 149 15.12 19.78 7.68
C MET A 149 16.38 19.60 8.52
N TYR A 150 17.50 19.19 7.91
CA TYR A 150 18.76 19.04 8.64
C TYR A 150 19.82 20.02 8.13
N LYS A 151 20.74 20.48 8.99
CA LYS A 151 21.78 21.43 8.57
C LYS A 151 22.94 20.76 7.86
N GLY A 152 23.61 21.53 6.98
CA GLY A 152 24.72 21.13 6.12
C GLY A 152 25.85 20.32 6.74
N LEU A 153 26.10 19.14 6.19
CA LEU A 153 27.12 18.22 6.66
C LEU A 153 27.84 17.58 5.48
N PRO A 154 29.11 17.15 5.64
CA PRO A 154 29.81 16.52 4.51
C PRO A 154 29.19 15.19 4.08
N TRP A 155 29.49 14.77 2.84
CA TRP A 155 28.98 13.52 2.28
C TRP A 155 29.29 12.25 3.10
N ASN A 156 30.47 12.18 3.75
CA ASN A 156 30.85 11.01 4.53
C ASN A 156 29.86 10.75 5.68
N VAL A 157 29.23 11.81 6.21
CA VAL A 157 28.25 11.59 7.27
C VAL A 157 26.83 11.51 6.68
N VAL A 158 26.54 12.29 5.63
CA VAL A 158 25.25 12.28 4.93
C VAL A 158 24.90 10.85 4.44
N ARG A 159 25.90 10.17 3.84
CA ARG A 159 25.70 8.82 3.32
C ARG A 159 25.30 7.81 4.41
N ILE A 160 25.82 7.93 5.65
CA ILE A 160 25.42 7.05 6.76
C ILE A 160 23.93 7.26 7.08
N LYS A 161 23.46 8.51 7.08
CA LYS A 161 22.06 8.82 7.33
C LYS A 161 21.14 8.23 6.26
N ILE A 162 21.59 8.28 4.99
CA ILE A 162 20.82 7.77 3.85
C ILE A 162 20.60 6.27 4.02
N VAL A 163 21.67 5.54 4.29
CA VAL A 163 21.58 4.10 4.52
C VAL A 163 20.63 3.75 5.70
N GLN A 164 20.75 4.43 6.87
CA GLN A 164 19.87 4.19 8.03
C GLN A 164 18.41 4.43 7.67
N MET A 165 18.12 5.58 7.03
CA MET A 165 16.77 5.97 6.67
C MET A 165 16.11 4.98 5.71
N LEU A 166 16.82 4.59 4.61
CA LEU A 166 16.34 3.61 3.63
C LEU A 166 16.14 2.24 4.30
N SER A 167 17.11 1.82 5.10
CA SER A 167 17.04 0.54 5.79
C SER A 167 15.83 0.45 6.72
N ASP A 168 15.54 1.53 7.49
CA ASP A 168 14.40 1.50 8.41
C ASP A 168 13.06 1.59 7.69
N THR A 169 13.03 2.31 6.55
CA THR A 169 11.80 2.46 5.79
C THR A 169 11.48 1.18 5.03
N LEU A 170 12.50 0.51 4.47
CA LEU A 170 12.30 -0.62 3.57
C LEU A 170 12.52 -2.01 4.11
N LYS A 171 13.13 -2.21 5.30
CA LYS A 171 13.44 -3.57 5.77
C LYS A 171 12.23 -4.51 5.80
N ASN A 172 11.07 -4.00 6.15
CA ASN A 172 9.85 -4.81 6.20
C ASN A 172 8.96 -4.69 4.95
N LEU A 173 9.44 -4.03 3.90
CA LEU A 173 8.68 -3.84 2.67
C LEU A 173 9.25 -4.56 1.48
N SER A 174 10.56 -4.42 1.22
CA SER A 174 11.14 -4.90 -0.02
C SER A 174 12.58 -5.37 0.09
N ASP A 175 13.02 -6.19 -0.88
CA ASP A 175 14.40 -6.63 -0.96
C ASP A 175 15.31 -5.57 -1.65
N ARG A 176 14.77 -4.39 -2.02
CA ARG A 176 15.57 -3.39 -2.76
C ARG A 176 15.02 -1.97 -2.53
N VAL A 177 15.62 -0.98 -3.25
CA VAL A 177 15.18 0.40 -3.35
C VAL A 177 15.03 0.77 -4.82
N VAL A 178 13.96 1.50 -5.15
CA VAL A 178 13.70 2.05 -6.48
C VAL A 178 13.55 3.54 -6.27
N PHE A 179 14.56 4.32 -6.64
CA PHE A 179 14.51 5.76 -6.55
C PHE A 179 13.62 6.30 -7.67
N VAL A 180 12.51 6.93 -7.31
CA VAL A 180 11.57 7.48 -8.25
C VAL A 180 11.95 8.95 -8.46
N LEU A 181 12.38 9.28 -9.68
CA LEU A 181 12.86 10.61 -10.00
C LEU A 181 11.98 11.39 -11.00
N TRP A 182 12.10 12.71 -10.96
CA TRP A 182 11.63 13.64 -11.97
C TRP A 182 12.95 14.38 -12.29
N ALA A 183 13.82 13.66 -13.01
CA ALA A 183 15.20 14.01 -13.21
C ALA A 183 15.47 15.33 -13.90
N HIS A 184 16.23 16.18 -13.23
CA HIS A 184 16.69 17.44 -13.80
C HIS A 184 18.25 17.52 -13.87
N GLY A 185 18.97 16.59 -13.24
CA GLY A 185 20.43 16.56 -13.35
C GLY A 185 21.20 16.34 -12.05
N PHE A 186 20.99 17.22 -11.04
CA PHE A 186 21.72 17.12 -9.79
C PHE A 186 21.48 15.82 -9.02
N GLU A 187 20.29 15.23 -9.13
CA GLU A 187 20.00 13.98 -8.40
C GLU A 187 20.84 12.84 -8.97
N LEU A 188 20.97 12.78 -10.29
CA LEU A 188 21.74 11.74 -10.97
C LEU A 188 23.22 11.92 -10.69
N THR A 189 23.74 13.16 -10.73
CA THR A 189 25.14 13.42 -10.46
C THR A 189 25.52 13.34 -8.97
N SER A 190 24.52 13.30 -8.07
CA SER A 190 24.82 13.17 -6.64
C SER A 190 24.94 11.68 -6.22
N MET A 191 24.48 10.74 -7.07
CA MET A 191 24.45 9.33 -6.72
C MET A 191 25.80 8.72 -6.41
N LYS A 192 26.83 9.14 -7.13
CA LYS A 192 28.19 8.66 -6.91
C LYS A 192 28.71 8.93 -5.50
N TYR A 193 28.11 9.89 -4.79
CA TYR A 193 28.50 10.21 -3.42
C TYR A 193 27.93 9.27 -2.35
N PHE A 194 26.94 8.44 -2.69
CA PHE A 194 26.34 7.53 -1.69
C PHE A 194 25.97 6.15 -2.24
N VAL A 195 26.26 5.88 -3.50
CA VAL A 195 25.93 4.64 -4.17
C VAL A 195 27.19 3.93 -4.70
N LYS A 196 27.24 2.61 -4.47
CA LYS A 196 28.25 1.73 -5.04
C LYS A 196 27.49 0.63 -5.79
N ILE A 197 28.09 0.17 -6.87
CA ILE A 197 27.51 -0.87 -7.71
C ILE A 197 28.52 -2.00 -7.98
N GLY A 198 28.00 -3.15 -8.38
CA GLY A 198 28.82 -4.31 -8.71
C GLY A 198 27.96 -5.52 -8.91
N PRO A 199 28.56 -6.71 -8.83
CA PRO A 199 27.76 -7.94 -8.94
C PRO A 199 26.70 -8.06 -7.85
N GLU A 200 25.61 -8.77 -8.16
CA GLU A 200 24.57 -9.04 -7.17
C GLU A 200 25.16 -9.88 -6.05
N ARG A 201 24.90 -9.47 -4.82
CA ARG A 201 25.48 -10.11 -3.65
C ARG A 201 24.46 -10.50 -2.60
N THR A 202 24.88 -11.32 -1.63
CA THR A 202 24.02 -11.67 -0.52
C THR A 202 24.55 -11.01 0.75
N CYS A 203 23.67 -10.84 1.74
CA CYS A 203 24.00 -10.26 3.04
C CYS A 203 25.06 -11.08 3.76
N CYS A 204 25.93 -10.41 4.51
CA CYS A 204 26.97 -11.09 5.28
C CYS A 204 26.40 -11.83 6.50
N LEU A 205 25.21 -11.45 6.98
CA LEU A 205 24.59 -12.05 8.16
C LEU A 205 23.35 -12.92 7.84
N CYS A 206 22.86 -12.91 6.58
CA CYS A 206 21.72 -13.75 6.21
C CYS A 206 21.71 -14.11 4.69
N ASP A 207 20.61 -14.71 4.20
CA ASP A 207 20.49 -15.14 2.81
C ASP A 207 19.87 -14.09 1.88
N ARG A 208 19.41 -12.95 2.40
CA ARG A 208 18.79 -11.92 1.57
C ARG A 208 19.78 -11.20 0.66
N ARG A 209 19.30 -10.63 -0.46
CA ARG A 209 20.18 -9.89 -1.35
C ARG A 209 20.71 -8.64 -0.63
N ALA A 210 21.95 -8.28 -0.95
CA ALA A 210 22.62 -7.13 -0.37
C ALA A 210 22.07 -5.82 -0.96
N THR A 211 21.84 -4.87 -0.07
CA THR A 211 21.36 -3.54 -0.45
C THR A 211 22.29 -2.41 0.01
N CYS A 212 23.26 -2.72 0.85
CA CYS A 212 24.17 -1.76 1.46
C CYS A 212 25.60 -2.32 1.46
N PHE A 213 26.56 -1.42 1.49
CA PHE A 213 27.96 -1.76 1.56
C PHE A 213 28.63 -0.93 2.65
N SER A 214 29.62 -1.52 3.31
CA SER A 214 30.40 -0.78 4.29
C SER A 214 31.87 -0.68 3.86
N THR A 215 32.39 0.55 3.71
CA THR A 215 33.82 0.75 3.43
C THR A 215 34.65 0.44 4.70
N ALA A 216 34.07 0.57 5.91
CA ALA A 216 34.78 0.29 7.15
C ALA A 216 35.18 -1.18 7.25
N SER A 217 34.26 -2.10 6.93
CA SER A 217 34.53 -3.53 7.00
C SER A 217 34.71 -4.26 5.65
N ASP A 218 34.47 -3.61 4.52
CA ASP A 218 34.53 -4.24 3.18
C ASP A 218 33.48 -5.39 3.07
N THR A 219 32.31 -5.23 3.72
CA THR A 219 31.26 -6.23 3.73
C THR A 219 29.90 -5.70 3.17
N TYR A 220 28.95 -6.62 2.94
CA TYR A 220 27.65 -6.31 2.35
C TYR A 220 26.52 -6.73 3.28
N ALA A 221 25.43 -5.99 3.25
CA ALA A 221 24.29 -6.27 4.09
C ALA A 221 22.97 -5.97 3.41
N CYS A 222 21.91 -6.66 3.86
CA CYS A 222 20.54 -6.39 3.46
C CYS A 222 20.04 -5.17 4.31
N TRP A 223 18.78 -4.74 4.14
CA TRP A 223 18.23 -3.64 4.94
C TRP A 223 18.15 -3.97 6.44
N HIS A 224 17.98 -5.26 6.81
CA HIS A 224 17.87 -5.66 8.22
C HIS A 224 19.20 -5.63 8.98
N HIS A 225 20.35 -5.79 8.30
CA HIS A 225 21.65 -5.92 8.96
C HIS A 225 22.67 -4.87 8.59
N SER A 226 22.21 -3.68 8.20
CA SER A 226 23.08 -2.62 7.69
C SER A 226 23.49 -1.54 8.68
N ILE A 227 23.35 -1.78 9.99
CA ILE A 227 23.70 -0.75 10.98
C ILE A 227 25.18 -0.38 10.88
N GLY A 228 25.45 0.91 10.73
CA GLY A 228 26.81 1.40 10.54
C GLY A 228 27.31 1.36 9.10
N PHE A 229 26.51 0.87 8.15
CA PHE A 229 26.92 0.81 6.74
C PHE A 229 26.80 2.20 6.09
N ASP A 230 27.72 2.54 5.16
CA ASP A 230 27.76 3.88 4.59
C ASP A 230 27.33 4.01 3.11
N TYR A 231 27.29 2.92 2.32
CA TYR A 231 26.88 3.02 0.93
C TYR A 231 25.63 2.23 0.56
N VAL A 232 24.78 2.82 -0.27
CA VAL A 232 23.62 2.13 -0.83
C VAL A 232 24.24 1.28 -1.95
N TYR A 233 23.93 -0.01 -1.98
CA TYR A 233 24.51 -0.94 -2.96
C TYR A 233 23.46 -1.43 -3.97
N ASN A 234 23.79 -1.36 -5.28
CA ASN A 234 22.92 -1.78 -6.39
C ASN A 234 21.46 -1.29 -6.28
N PRO A 235 21.26 0.03 -6.08
CA PRO A 235 19.88 0.54 -6.07
C PRO A 235 19.31 0.55 -7.49
N PHE A 236 17.99 0.68 -7.59
CA PHE A 236 17.34 0.82 -8.88
C PHE A 236 16.73 2.23 -8.93
N MET A 237 16.37 2.68 -10.13
CA MET A 237 15.82 4.00 -10.34
C MET A 237 15.02 4.08 -11.62
N ILE A 238 14.09 5.02 -11.65
CA ILE A 238 13.23 5.27 -12.79
C ILE A 238 12.97 6.76 -12.88
N ASP A 239 13.04 7.30 -14.10
CA ASP A 239 12.80 8.72 -14.32
C ASP A 239 11.43 8.88 -14.96
N VAL A 240 10.46 9.38 -14.16
CA VAL A 240 9.07 9.63 -14.53
C VAL A 240 8.97 10.57 -15.77
N GLN A 241 9.92 11.50 -15.90
CA GLN A 241 9.96 12.39 -17.07
C GLN A 241 10.05 11.59 -18.38
N GLN A 242 10.60 10.36 -18.35
CA GLN A 242 10.71 9.55 -19.56
C GLN A 242 9.37 9.01 -20.08
N TRP A 243 8.29 9.18 -19.31
CA TRP A 243 6.98 8.66 -19.65
C TRP A 243 6.17 9.53 -20.63
N GLY A 244 6.61 10.77 -20.83
CA GLY A 244 5.97 11.65 -21.81
C GLY A 244 4.97 12.62 -21.22
N PHE A 245 5.46 13.56 -20.43
CA PHE A 245 4.61 14.57 -19.83
C PHE A 245 4.87 15.94 -20.47
N THR A 246 3.86 16.81 -20.41
CA THR A 246 3.99 18.18 -20.85
C THR A 246 3.96 19.03 -19.59
N GLY A 247 4.91 19.94 -19.48
CA GLY A 247 4.97 20.82 -18.32
C GLY A 247 5.72 20.21 -17.15
N ASN A 248 5.90 21.00 -16.09
CA ASN A 248 6.67 20.62 -14.95
C ASN A 248 5.98 19.60 -14.00
N LEU A 249 6.71 19.15 -12.99
CA LEU A 249 6.24 18.20 -11.99
C LEU A 249 4.99 18.70 -11.29
N GLN A 250 5.03 19.93 -10.73
CA GLN A 250 3.89 20.44 -9.97
C GLN A 250 2.61 20.49 -10.80
N SER A 251 2.69 20.95 -12.05
CA SER A 251 1.50 21.03 -12.91
C SER A 251 0.90 19.66 -13.20
N ASN A 252 1.73 18.62 -13.43
CA ASN A 252 1.21 17.27 -13.69
C ASN A 252 0.65 16.63 -12.40
N HIS A 253 1.38 16.79 -11.27
CA HIS A 253 0.96 16.25 -9.98
C HIS A 253 -0.37 16.86 -9.54
N ASP A 254 -0.50 18.20 -9.63
CA ASP A 254 -1.69 18.93 -9.16
C ASP A 254 -2.98 18.63 -9.94
N LEU A 255 -2.89 18.06 -11.14
CA LEU A 255 -4.09 17.67 -11.90
C LEU A 255 -4.87 16.55 -11.18
N TYR A 256 -4.16 15.72 -10.40
CA TYR A 256 -4.74 14.55 -9.76
C TYR A 256 -4.71 14.59 -8.24
N CYS A 257 -3.95 15.50 -7.62
CA CYS A 257 -3.79 15.49 -6.17
C CYS A 257 -3.77 16.87 -5.53
N GLN A 258 -4.59 17.05 -4.51
CA GLN A 258 -4.67 18.31 -3.74
C GLN A 258 -4.08 18.16 -2.32
N VAL A 259 -3.61 16.97 -1.94
CA VAL A 259 -3.10 16.68 -0.60
C VAL A 259 -1.64 17.10 -0.41
N HIS A 260 -0.81 16.92 -1.43
CA HIS A 260 0.59 17.31 -1.35
C HIS A 260 0.78 18.72 -1.88
N GLY A 261 1.45 19.54 -1.07
CA GLY A 261 1.74 20.91 -1.46
C GLY A 261 3.16 21.07 -1.96
N ASN A 262 3.56 22.33 -2.25
CA ASN A 262 4.92 22.57 -2.69
C ASN A 262 5.59 23.70 -1.96
N ALA A 263 6.14 23.41 -0.77
CA ALA A 263 6.86 24.42 0.00
C ALA A 263 8.15 24.91 -0.70
N HIS A 264 8.54 24.24 -1.83
CA HIS A 264 9.73 24.48 -2.63
C HIS A 264 10.99 23.76 -2.07
N VAL A 265 10.79 22.81 -1.12
CA VAL A 265 11.88 22.00 -0.58
C VAL A 265 11.94 20.65 -1.33
N ALA A 266 13.11 20.04 -1.34
CA ALA A 266 13.35 18.79 -2.05
C ALA A 266 12.42 17.61 -1.69
N SER A 267 12.08 17.45 -0.40
CA SER A 267 11.18 16.36 0.02
C SER A 267 9.79 16.57 -0.57
N CYS A 268 9.33 17.83 -0.71
CA CYS A 268 8.02 18.12 -1.33
C CYS A 268 7.99 17.61 -2.78
N ASP A 269 9.08 17.86 -3.51
CA ASP A 269 9.20 17.39 -4.89
C ASP A 269 9.28 15.86 -4.92
N ALA A 270 10.04 15.26 -3.99
CA ALA A 270 10.21 13.80 -3.92
C ALA A 270 8.85 13.10 -3.70
N ILE A 271 8.04 13.63 -2.78
CA ILE A 271 6.69 13.15 -2.43
C ILE A 271 5.78 13.29 -3.67
N MET A 272 5.79 14.47 -4.31
CA MET A 272 4.98 14.69 -5.52
C MET A 272 5.33 13.72 -6.66
N THR A 273 6.65 13.45 -6.85
CA THR A 273 7.15 12.57 -7.90
C THR A 273 6.60 11.14 -7.71
N ARG A 274 6.78 10.60 -6.49
CA ARG A 274 6.29 9.26 -6.17
C ARG A 274 4.75 9.22 -6.29
N CYS A 275 4.03 10.25 -5.79
CA CYS A 275 2.56 10.34 -5.90
C CYS A 275 2.12 10.29 -7.39
N LEU A 276 2.77 11.08 -8.26
CA LEU A 276 2.42 11.10 -9.68
C LEU A 276 2.66 9.72 -10.32
N ALA A 277 3.76 9.05 -9.92
CA ALA A 277 4.08 7.71 -10.40
C ALA A 277 2.97 6.71 -9.95
N VAL A 278 2.53 6.81 -8.69
CA VAL A 278 1.47 5.95 -8.16
C VAL A 278 0.16 6.23 -8.94
N HIS A 279 -0.14 7.50 -9.21
CA HIS A 279 -1.32 7.85 -10.02
C HIS A 279 -1.31 7.18 -11.39
N GLU A 280 -0.18 7.29 -12.10
CA GLU A 280 -0.01 6.75 -13.44
C GLU A 280 -0.06 5.24 -13.50
N CYS A 281 0.49 4.58 -12.47
CA CYS A 281 0.62 3.14 -12.48
C CYS A 281 -0.46 2.37 -11.75
N PHE A 282 -1.20 3.03 -10.84
CA PHE A 282 -2.21 2.34 -10.02
C PHE A 282 -3.56 3.03 -9.97
N VAL A 283 -3.66 4.30 -10.42
CA VAL A 283 -4.94 5.00 -10.39
C VAL A 283 -5.56 4.98 -11.78
N LYS A 284 -4.90 5.59 -12.78
CA LYS A 284 -5.41 5.61 -14.14
C LYS A 284 -5.17 4.28 -14.87
N ARG A 285 -4.12 3.54 -14.50
CA ARG A 285 -3.81 2.23 -15.05
C ARG A 285 -4.00 1.21 -13.91
N VAL A 286 -4.73 0.11 -14.14
CA VAL A 286 -4.91 -0.90 -13.09
C VAL A 286 -4.57 -2.29 -13.61
N ASP A 287 -3.64 -2.98 -12.95
CA ASP A 287 -3.28 -4.33 -13.33
C ASP A 287 -3.47 -5.27 -12.14
N TRP A 288 -4.56 -6.06 -12.14
CA TRP A 288 -4.81 -7.01 -11.06
C TRP A 288 -4.18 -8.40 -11.31
N THR A 289 -3.40 -8.57 -12.39
CA THR A 289 -2.71 -9.82 -12.67
C THR A 289 -1.28 -9.86 -12.05
N ILE A 290 -0.81 -8.73 -11.50
CA ILE A 290 0.50 -8.67 -10.88
C ILE A 290 0.37 -9.10 -9.45
N GLU A 291 1.09 -10.16 -9.09
CA GLU A 291 1.09 -10.74 -7.75
C GLU A 291 2.28 -10.17 -6.97
N TYR A 292 2.09 -9.90 -5.69
CA TYR A 292 3.14 -9.37 -4.83
C TYR A 292 3.48 -10.36 -3.74
N PRO A 293 4.77 -10.45 -3.35
CA PRO A 293 5.14 -11.42 -2.31
C PRO A 293 4.52 -11.19 -0.93
N ILE A 294 4.49 -12.26 -0.11
CA ILE A 294 4.00 -12.20 1.25
C ILE A 294 5.10 -11.56 2.11
N ILE A 295 4.82 -10.44 2.75
CA ILE A 295 5.78 -9.74 3.62
C ILE A 295 5.30 -9.59 5.09
N GLY A 296 4.06 -9.98 5.36
CA GLY A 296 3.48 -9.85 6.68
C GLY A 296 2.36 -10.82 6.95
N ASP A 297 1.24 -10.29 7.46
CA ASP A 297 0.09 -11.07 7.87
C ASP A 297 -1.00 -11.22 6.82
N GLU A 298 -0.63 -11.10 5.53
CA GLU A 298 -1.58 -11.22 4.40
C GLU A 298 -2.55 -12.40 4.54
N LEU A 299 -2.02 -13.62 4.69
CA LEU A 299 -2.86 -14.81 4.79
C LEU A 299 -3.86 -14.78 5.95
N LYS A 300 -3.40 -14.41 7.18
CA LYS A 300 -4.28 -14.35 8.35
C LYS A 300 -5.34 -13.28 8.16
N ILE A 301 -4.95 -12.10 7.60
CA ILE A 301 -5.86 -11.00 7.36
C ILE A 301 -6.96 -11.43 6.37
N ASN A 302 -6.56 -12.06 5.26
CA ASN A 302 -7.54 -12.47 4.25
C ASN A 302 -8.50 -13.55 4.82
N ALA A 303 -7.97 -14.48 5.62
CA ALA A 303 -8.75 -15.53 6.27
C ALA A 303 -9.73 -14.91 7.28
N ALA A 304 -9.27 -13.89 8.01
CA ALA A 304 -10.09 -13.19 8.98
C ALA A 304 -11.22 -12.45 8.26
N CYS A 305 -10.92 -11.79 7.11
CA CYS A 305 -11.91 -11.07 6.31
C CYS A 305 -13.05 -11.96 5.90
N ARG A 306 -12.74 -13.19 5.41
CA ARG A 306 -13.74 -14.16 5.00
C ARG A 306 -14.58 -14.65 6.23
N LYS A 307 -13.93 -14.90 7.39
CA LYS A 307 -14.64 -15.35 8.59
C LYS A 307 -15.59 -14.26 9.11
N VAL A 308 -15.11 -13.00 9.17
CA VAL A 308 -15.90 -11.86 9.66
C VAL A 308 -17.08 -11.60 8.73
N GLN A 309 -16.85 -11.64 7.39
CA GLN A 309 -17.94 -11.42 6.43
C GLN A 309 -19.05 -12.46 6.60
N HIS A 310 -18.69 -13.76 6.68
CA HIS A 310 -19.70 -14.81 6.86
C HIS A 310 -20.50 -14.60 8.18
N MET A 311 -19.79 -14.28 9.29
CA MET A 311 -20.38 -14.05 10.60
C MET A 311 -21.39 -12.90 10.58
N VAL A 312 -20.96 -11.73 10.11
CA VAL A 312 -21.77 -10.52 10.12
C VAL A 312 -23.00 -10.62 9.23
N VAL A 313 -22.83 -11.20 8.05
CA VAL A 313 -23.92 -11.33 7.09
C VAL A 313 -24.93 -12.35 7.58
N LYS A 314 -24.43 -13.50 8.05
CA LYS A 314 -25.28 -14.55 8.63
C LYS A 314 -26.14 -13.99 9.79
N ALA A 315 -25.53 -13.20 10.67
CA ALA A 315 -26.25 -12.65 11.82
C ALA A 315 -27.27 -11.61 11.41
N ALA A 316 -26.94 -10.75 10.44
CA ALA A 316 -27.89 -9.74 9.95
C ALA A 316 -29.13 -10.42 9.34
N LEU A 317 -28.92 -11.48 8.56
CA LEU A 317 -30.00 -12.23 7.94
C LEU A 317 -30.87 -12.91 9.00
N LEU A 318 -30.27 -13.50 10.03
CA LEU A 318 -31.03 -14.16 11.11
C LEU A 318 -31.80 -13.16 11.95
N ALA A 319 -31.16 -12.02 12.27
CA ALA A 319 -31.73 -10.99 13.12
C ALA A 319 -32.85 -10.20 12.47
N ASP A 320 -32.74 -9.88 11.16
CA ASP A 320 -33.77 -9.04 10.53
C ASP A 320 -34.55 -9.72 9.41
N LYS A 321 -34.22 -10.98 9.09
CA LYS A 321 -34.91 -11.81 8.09
C LYS A 321 -35.22 -11.07 6.79
N PHE A 322 -34.21 -10.41 6.20
CA PHE A 322 -34.38 -9.74 4.92
C PHE A 322 -34.72 -10.76 3.85
N PRO A 323 -35.73 -10.47 3.02
CA PRO A 323 -36.07 -11.42 1.95
C PRO A 323 -35.09 -11.39 0.77
N VAL A 324 -34.37 -10.26 0.58
CA VAL A 324 -33.42 -10.11 -0.54
C VAL A 324 -32.13 -9.40 -0.04
N LEU A 325 -30.98 -9.84 -0.55
CA LEU A 325 -29.67 -9.27 -0.29
C LEU A 325 -29.06 -8.82 -1.66
N HIS A 326 -28.67 -7.54 -1.76
CA HIS A 326 -28.04 -6.99 -2.96
C HIS A 326 -26.56 -6.90 -2.68
N ASP A 327 -25.78 -7.80 -3.30
CA ASP A 327 -24.35 -7.91 -3.11
C ASP A 327 -23.64 -7.08 -4.17
N ILE A 328 -23.15 -5.91 -3.78
CA ILE A 328 -22.54 -4.98 -4.72
C ILE A 328 -21.03 -4.93 -4.56
N GLY A 329 -20.33 -5.29 -5.62
CA GLY A 329 -18.88 -5.25 -5.60
C GLY A 329 -18.26 -6.24 -6.54
N ASN A 330 -17.12 -6.81 -6.13
CA ASN A 330 -16.33 -7.71 -6.96
C ASN A 330 -17.11 -8.65 -7.87
N PRO A 331 -16.87 -8.57 -9.20
CA PRO A 331 -17.59 -9.46 -10.12
C PRO A 331 -17.30 -10.95 -9.89
N LYS A 332 -16.23 -11.28 -9.14
CA LYS A 332 -15.90 -12.66 -8.84
C LYS A 332 -16.41 -13.12 -7.46
N ALA A 333 -17.33 -12.35 -6.82
CA ALA A 333 -17.84 -12.73 -5.50
C ALA A 333 -18.73 -13.96 -5.50
N ILE A 334 -18.61 -14.71 -4.42
CA ILE A 334 -19.33 -15.93 -4.07
C ILE A 334 -20.26 -15.61 -2.89
N LYS A 335 -21.40 -16.32 -2.74
CA LYS A 335 -22.30 -16.11 -1.60
C LYS A 335 -21.51 -16.40 -0.30
N CYS A 336 -21.40 -15.42 0.61
CA CYS A 336 -20.63 -15.62 1.84
C CYS A 336 -21.39 -16.45 2.88
N VAL A 337 -22.73 -16.58 2.76
CA VAL A 337 -23.58 -17.41 3.63
C VAL A 337 -24.40 -18.32 2.71
N PRO A 338 -23.78 -19.37 2.14
CA PRO A 338 -24.48 -20.21 1.15
C PRO A 338 -25.74 -20.94 1.64
N GLN A 339 -25.87 -21.16 2.95
CA GLN A 339 -27.05 -21.84 3.48
C GLN A 339 -28.25 -20.92 3.73
N ALA A 340 -28.07 -19.58 3.64
CA ALA A 340 -29.16 -18.64 3.90
C ALA A 340 -30.33 -18.73 2.92
N ASP A 341 -31.56 -18.51 3.43
CA ASP A 341 -32.79 -18.62 2.63
C ASP A 341 -32.91 -17.54 1.54
N VAL A 342 -32.47 -16.33 1.88
CA VAL A 342 -32.51 -15.09 1.16
C VAL A 342 -32.29 -15.16 -0.38
N GLU A 343 -32.98 -14.27 -1.10
CA GLU A 343 -32.79 -14.13 -2.53
C GLU A 343 -31.47 -13.35 -2.66
N TRP A 344 -30.41 -13.99 -3.13
CA TRP A 344 -29.10 -13.36 -3.23
C TRP A 344 -28.86 -12.85 -4.64
N LYS A 345 -28.76 -11.52 -4.81
CA LYS A 345 -28.55 -10.92 -6.13
C LYS A 345 -27.22 -10.17 -6.17
N PHE A 346 -26.39 -10.45 -7.20
CA PHE A 346 -25.06 -9.83 -7.38
C PHE A 346 -25.07 -8.71 -8.41
N TYR A 347 -24.26 -7.65 -8.16
CA TYR A 347 -24.07 -6.48 -9.01
C TYR A 347 -22.56 -6.27 -9.10
N ASP A 348 -22.05 -6.19 -10.34
CA ASP A 348 -20.61 -6.08 -10.59
C ASP A 348 -20.10 -4.65 -10.51
N ALA A 349 -19.08 -4.46 -9.70
CA ALA A 349 -18.36 -3.20 -9.58
C ALA A 349 -16.95 -3.54 -9.11
N GLN A 350 -15.97 -3.24 -9.96
CA GLN A 350 -14.57 -3.44 -9.64
C GLN A 350 -14.15 -2.47 -8.52
N PRO A 351 -13.10 -2.79 -7.74
CA PRO A 351 -12.66 -1.84 -6.70
C PRO A 351 -12.25 -0.48 -7.28
N CYS A 352 -12.98 0.60 -6.94
CA CYS A 352 -12.68 1.94 -7.47
C CYS A 352 -11.33 2.40 -6.96
N SER A 353 -10.43 2.77 -7.88
CA SER A 353 -9.09 3.19 -7.50
C SER A 353 -8.89 4.72 -7.53
N ASP A 354 -9.82 5.47 -8.14
CA ASP A 354 -9.67 6.91 -8.24
C ASP A 354 -10.57 7.58 -7.17
N LYS A 355 -11.82 7.91 -7.50
CA LYS A 355 -12.76 8.45 -6.53
C LYS A 355 -13.72 7.33 -6.14
N ALA A 356 -14.36 7.46 -4.96
CA ALA A 356 -15.38 6.50 -4.54
C ALA A 356 -16.58 6.58 -5.52
N TYR A 357 -17.22 5.45 -5.79
CA TYR A 357 -18.40 5.42 -6.66
C TYR A 357 -19.51 6.31 -6.13
N LYS A 358 -20.24 6.95 -7.03
CA LYS A 358 -21.39 7.74 -6.63
C LYS A 358 -22.52 6.71 -6.51
N ILE A 359 -23.22 6.69 -5.37
CA ILE A 359 -24.34 5.75 -5.17
C ILE A 359 -25.42 5.92 -6.27
N GLU A 360 -25.58 7.16 -6.78
CA GLU A 360 -26.54 7.44 -7.83
C GLU A 360 -26.18 6.73 -9.14
N GLU A 361 -24.88 6.59 -9.45
CA GLU A 361 -24.46 5.90 -10.66
C GLU A 361 -24.56 4.37 -10.51
N LEU A 362 -24.27 3.84 -9.31
CA LEU A 362 -24.33 2.40 -9.09
C LEU A 362 -25.78 1.89 -9.10
N PHE A 363 -26.70 2.68 -8.51
CA PHE A 363 -28.09 2.26 -8.35
C PHE A 363 -29.08 2.79 -9.36
N TYR A 364 -28.94 4.05 -9.76
CA TYR A 364 -29.93 4.67 -10.64
C TYR A 364 -29.52 4.58 -12.12
N SER A 365 -30.36 5.12 -13.02
CA SER A 365 -30.24 5.01 -14.48
C SER A 365 -30.79 3.63 -14.90
N TYR A 366 -31.95 3.25 -14.30
CA TYR A 366 -32.71 2.00 -14.46
C TYR A 366 -31.84 0.74 -14.42
N HIS A 369 -31.55 -6.53 -12.93
CA HIS A 369 -31.47 -5.83 -11.66
C HIS A 369 -32.75 -6.00 -10.86
N SER A 370 -32.63 -6.07 -9.53
CA SER A 370 -33.85 -6.08 -8.70
C SER A 370 -34.54 -4.70 -8.79
N ASP A 371 -33.74 -3.62 -9.03
CA ASP A 371 -34.11 -2.21 -9.16
C ASP A 371 -34.42 -1.62 -7.79
N LYS A 372 -35.22 -2.34 -7.02
CA LYS A 372 -35.60 -1.94 -5.68
C LYS A 372 -34.47 -2.26 -4.70
N PHE A 373 -33.42 -1.42 -4.69
CA PHE A 373 -32.32 -1.58 -3.74
C PHE A 373 -32.76 -1.26 -2.29
N THR A 374 -33.89 -0.57 -2.13
CA THR A 374 -34.51 -0.22 -0.86
C THR A 374 -35.12 -1.46 -0.17
N ASP A 375 -35.43 -2.53 -0.93
CA ASP A 375 -35.97 -3.75 -0.33
C ASP A 375 -34.80 -4.60 0.16
N GLY A 376 -34.98 -5.21 1.30
CA GLY A 376 -33.96 -6.06 1.89
C GLY A 376 -32.73 -5.30 2.35
N VAL A 377 -31.56 -5.88 2.11
CA VAL A 377 -30.32 -5.30 2.59
C VAL A 377 -29.25 -5.25 1.48
N CYS A 378 -28.38 -4.25 1.54
CA CYS A 378 -27.29 -4.09 0.59
C CYS A 378 -25.99 -4.43 1.27
N LEU A 379 -25.16 -5.22 0.61
CA LEU A 379 -23.87 -5.61 1.12
C LEU A 379 -22.78 -4.96 0.26
N PHE A 380 -21.94 -4.12 0.89
CA PHE A 380 -20.83 -3.45 0.20
C PHE A 380 -19.56 -3.89 0.92
N TRP A 381 -18.99 -5.01 0.50
CA TRP A 381 -17.79 -5.54 1.11
C TRP A 381 -16.59 -5.06 0.30
N ASN A 382 -16.00 -3.95 0.77
CA ASN A 382 -14.91 -3.23 0.09
C ASN A 382 -15.35 -2.66 -1.25
N CYS A 383 -16.62 -2.22 -1.34
CA CYS A 383 -17.13 -1.55 -2.55
C CYS A 383 -17.34 -0.12 -2.08
N ASN A 384 -16.37 0.74 -2.36
CA ASN A 384 -16.33 2.07 -1.79
C ASN A 384 -17.22 3.09 -2.47
N VAL A 385 -18.28 3.51 -1.79
CA VAL A 385 -19.21 4.50 -2.34
C VAL A 385 -19.14 5.82 -1.55
N ASP A 386 -19.61 6.91 -2.17
CA ASP A 386 -19.63 8.23 -1.52
C ASP A 386 -20.61 8.30 -0.29
N ARG A 387 -21.77 7.63 -0.36
CA ARG A 387 -22.76 7.67 0.71
C ARG A 387 -23.57 6.39 0.68
N TYR A 388 -23.34 5.54 1.66
CA TYR A 388 -24.06 4.28 1.75
C TYR A 388 -25.52 4.46 2.09
N PRO A 389 -26.40 3.66 1.45
CA PRO A 389 -27.82 3.70 1.84
C PRO A 389 -28.02 3.15 3.27
N ALA A 390 -29.10 3.60 3.93
CA ALA A 390 -29.43 3.21 5.29
C ALA A 390 -29.55 1.70 5.47
N ASN A 391 -30.02 0.94 4.44
CA ASN A 391 -30.15 -0.52 4.62
C ASN A 391 -28.88 -1.28 4.21
N SER A 392 -27.71 -0.91 4.77
CA SER A 392 -26.45 -1.54 4.36
C SER A 392 -25.64 -2.25 5.44
N ILE A 393 -24.84 -3.24 5.02
CA ILE A 393 -23.82 -3.98 5.76
C ILE A 393 -22.53 -3.57 4.99
N VAL A 394 -21.58 -2.91 5.67
CA VAL A 394 -20.41 -2.36 4.97
C VAL A 394 -19.06 -2.69 5.61
N CYS A 395 -18.10 -3.07 4.79
CA CYS A 395 -16.70 -3.16 5.14
C CYS A 395 -15.95 -2.09 4.29
N ARG A 396 -15.32 -1.12 4.97
CA ARG A 396 -14.59 -0.05 4.30
C ARG A 396 -13.17 0.06 4.85
N PHE A 397 -12.18 -0.07 3.97
CA PHE A 397 -10.77 0.07 4.31
C PHE A 397 -10.45 1.52 4.66
N ASP A 398 -9.83 1.72 5.82
CA ASP A 398 -9.43 3.03 6.29
C ASP A 398 -8.01 3.25 5.80
N THR A 399 -7.89 4.11 4.79
CA THR A 399 -6.64 4.45 4.12
C THR A 399 -5.60 5.08 5.04
N ARG A 400 -6.04 5.66 6.19
CA ARG A 400 -5.11 6.29 7.12
C ARG A 400 -4.30 5.29 7.95
N VAL A 401 -4.62 3.99 7.90
CA VAL A 401 -3.95 2.98 8.73
C VAL A 401 -2.44 2.88 8.48
N LEU A 402 -1.66 2.75 9.57
CA LEU A 402 -0.22 2.58 9.45
C LEU A 402 0.15 1.10 9.51
N SER A 403 0.59 0.55 8.38
CA SER A 403 1.03 -0.85 8.26
C SER A 403 2.01 -1.06 7.10
N ASN A 404 2.73 -2.19 7.11
CA ASN A 404 3.66 -2.58 6.04
C ASN A 404 2.91 -2.94 4.74
N LEU A 405 1.59 -3.19 4.80
CA LEU A 405 0.81 -3.48 3.59
C LEU A 405 0.26 -2.22 2.92
N ASN A 406 0.02 -1.18 3.70
CA ASN A 406 -0.59 0.06 3.25
C ASN A 406 0.46 1.15 2.97
N LEU A 407 0.69 1.42 1.69
CA LEU A 407 1.65 2.42 1.24
C LEU A 407 0.94 3.76 0.99
N PRO A 408 1.62 4.89 1.20
CA PRO A 408 1.01 6.20 0.87
C PRO A 408 0.61 6.28 -0.62
N GLY A 409 -0.54 6.89 -0.87
CA GLY A 409 -1.12 6.99 -2.19
C GLY A 409 -1.35 8.39 -2.71
N CYS A 410 -2.25 8.50 -3.69
N CYS A 410 -2.27 8.50 -3.66
CA CYS A 410 -2.59 9.74 -4.40
CA CYS A 410 -2.61 9.77 -4.32
C CYS A 410 -3.88 10.38 -3.90
C CYS A 410 -3.87 10.39 -3.80
N ASP A 411 -3.87 11.73 -3.71
CA ASP A 411 -5.02 12.52 -3.30
C ASP A 411 -5.75 12.01 -1.99
N GLY A 412 -4.98 11.62 -0.99
CA GLY A 412 -5.54 11.12 0.26
C GLY A 412 -5.71 9.61 0.29
N GLY A 413 -5.77 8.99 -0.88
CA GLY A 413 -5.86 7.55 -1.00
C GLY A 413 -4.59 6.83 -0.57
N SER A 414 -4.66 5.52 -0.52
CA SER A 414 -3.52 4.71 -0.16
C SER A 414 -3.44 3.53 -1.09
N LEU A 415 -2.26 2.93 -1.19
CA LEU A 415 -2.03 1.79 -2.03
C LEU A 415 -1.91 0.57 -1.14
N TYR A 416 -2.99 -0.23 -1.04
CA TYR A 416 -3.01 -1.39 -0.15
C TYR A 416 -2.52 -2.59 -0.93
N VAL A 417 -1.40 -3.17 -0.49
CA VAL A 417 -0.79 -4.25 -1.25
C VAL A 417 -0.82 -5.56 -0.49
N ASN A 418 -1.77 -6.43 -0.87
CA ASN A 418 -1.96 -7.74 -0.23
C ASN A 418 -2.36 -8.66 -1.37
N LYS A 419 -1.38 -9.46 -1.86
CA LYS A 419 -1.44 -10.32 -3.06
C LYS A 419 -1.49 -9.46 -4.33
N HIS A 420 -2.41 -8.50 -4.38
CA HIS A 420 -2.53 -7.58 -5.50
C HIS A 420 -2.44 -6.13 -4.95
N ALA A 421 -2.26 -5.17 -5.85
CA ALA A 421 -2.18 -3.77 -5.45
C ALA A 421 -3.52 -3.07 -5.68
N PHE A 422 -4.08 -2.48 -4.63
CA PHE A 422 -5.36 -1.80 -4.72
C PHE A 422 -5.23 -0.36 -4.27
N HIS A 423 -5.26 0.60 -5.21
CA HIS A 423 -5.28 2.01 -4.82
C HIS A 423 -6.71 2.25 -4.33
N THR A 424 -6.87 2.79 -3.12
CA THR A 424 -8.17 2.95 -2.48
C THR A 424 -8.40 4.42 -2.21
N PRO A 425 -9.58 4.97 -2.55
CA PRO A 425 -9.81 6.41 -2.29
C PRO A 425 -9.81 6.74 -0.80
N ALA A 426 -9.46 7.98 -0.48
CA ALA A 426 -9.40 8.47 0.89
C ALA A 426 -10.63 8.11 1.73
N PHE A 427 -10.36 7.59 2.96
CA PHE A 427 -11.40 7.28 3.92
C PHE A 427 -12.17 8.57 4.25
N ASP A 428 -13.49 8.49 4.23
CA ASP A 428 -14.33 9.66 4.45
C ASP A 428 -15.45 9.25 5.37
N LYS A 429 -15.46 9.81 6.60
CA LYS A 429 -16.47 9.49 7.63
C LYS A 429 -17.89 9.85 7.21
N SER A 430 -18.05 10.85 6.34
CA SER A 430 -19.38 11.25 5.87
C SER A 430 -20.05 10.15 5.03
N ALA A 431 -19.29 9.18 4.47
CA ALA A 431 -19.90 8.08 3.71
C ALA A 431 -20.84 7.21 4.58
N PHE A 432 -20.60 7.18 5.91
CA PHE A 432 -21.33 6.35 6.87
C PHE A 432 -22.44 7.06 7.67
N VAL A 433 -22.89 8.28 7.25
CA VAL A 433 -23.92 9.01 8.00
C VAL A 433 -25.25 8.28 8.18
N ASN A 434 -25.64 7.37 7.27
CA ASN A 434 -26.91 6.63 7.44
C ASN A 434 -26.74 5.32 8.25
N LEU A 435 -25.52 5.02 8.72
CA LEU A 435 -25.24 3.77 9.41
C LEU A 435 -24.58 4.02 10.78
N LYS A 436 -24.26 2.94 11.49
CA LYS A 436 -23.54 3.02 12.75
C LYS A 436 -22.37 2.02 12.68
N GLN A 437 -21.39 2.17 13.57
CA GLN A 437 -20.28 1.22 13.67
C GLN A 437 -20.85 -0.15 14.11
N LEU A 438 -20.38 -1.22 13.49
CA LEU A 438 -20.85 -2.55 13.84
C LEU A 438 -20.10 -2.98 15.09
N PRO A 439 -20.83 -3.30 16.17
CA PRO A 439 -20.14 -3.77 17.38
C PRO A 439 -19.56 -5.17 17.19
N PHE A 440 -18.52 -5.50 17.96
CA PHE A 440 -17.98 -6.86 17.95
C PHE A 440 -19.03 -7.79 18.59
N PHE A 441 -19.17 -8.98 18.03
CA PHE A 441 -19.98 -10.06 18.61
C PHE A 441 -19.55 -11.36 17.93
N TYR A 442 -19.82 -12.49 18.57
CA TYR A 442 -19.56 -13.80 18.00
C TYR A 442 -20.90 -14.52 18.07
N TYR A 443 -21.33 -15.13 16.97
CA TYR A 443 -22.59 -15.88 16.97
C TYR A 443 -22.31 -17.30 16.51
N SER A 444 -22.97 -18.29 17.12
CA SER A 444 -22.84 -19.66 16.68
C SER A 444 -24.06 -20.49 17.05
N ASP A 445 -24.57 -21.23 16.07
CA ASP A 445 -25.66 -22.18 16.31
C ASP A 445 -25.17 -23.65 16.23
N SER A 446 -23.84 -23.88 16.16
CA SER A 446 -23.25 -25.20 16.09
C SER A 446 -23.40 -25.95 17.43
N PRO A 447 -23.44 -27.29 17.42
CA PRO A 447 -23.62 -28.01 18.69
C PRO A 447 -22.50 -27.77 19.70
N CYS A 448 -22.86 -27.76 20.98
CA CYS A 448 -21.90 -27.58 22.07
C CYS A 448 -21.20 -28.91 22.27
N GLU A 449 -20.07 -29.11 21.60
CA GLU A 449 -19.33 -30.36 21.65
C GLU A 449 -17.84 -30.10 21.35
N SER A 450 -16.96 -30.41 22.34
CA SER A 450 -15.52 -30.19 22.33
C SER A 450 -14.75 -30.79 21.11
N HIS A 451 -14.72 -32.13 20.99
CA HIS A 451 -14.02 -32.83 19.89
C HIS A 451 -12.54 -32.44 19.78
N GLY A 452 -11.66 -33.28 20.32
CA GLY A 452 -10.22 -33.04 20.26
C GLY A 452 -9.52 -33.30 21.58
N ILE A 459 -3.95 -27.42 23.92
CA ILE A 459 -4.80 -26.24 24.08
C ILE A 459 -5.46 -26.25 25.46
N ASP A 460 -4.94 -25.47 26.43
CA ASP A 460 -5.52 -25.45 27.77
C ASP A 460 -6.71 -24.47 27.89
N TYR A 461 -7.44 -24.50 29.03
CA TYR A 461 -8.68 -23.72 29.16
C TYR A 461 -8.92 -22.94 30.47
N VAL A 462 -9.26 -21.65 30.31
CA VAL A 462 -9.71 -20.75 31.38
C VAL A 462 -11.16 -20.42 30.99
N PRO A 463 -12.15 -20.60 31.89
CA PRO A 463 -13.55 -20.39 31.51
C PRO A 463 -13.90 -19.03 30.92
N LEU A 464 -14.67 -19.02 29.81
CA LEU A 464 -15.04 -17.76 29.17
C LEU A 464 -16.30 -17.14 29.78
N LYS A 465 -16.23 -15.85 30.09
CA LYS A 465 -17.39 -15.08 30.53
C LYS A 465 -17.43 -13.87 29.59
N SER A 466 -18.46 -13.76 28.75
CA SER A 466 -18.59 -12.64 27.82
C SER A 466 -20.03 -12.43 27.42
N ALA A 467 -20.48 -11.18 27.47
CA ALA A 467 -21.83 -10.84 27.06
C ALA A 467 -22.02 -10.91 25.52
N THR A 468 -20.91 -10.97 24.74
CA THR A 468 -20.95 -11.00 23.28
C THR A 468 -20.74 -12.39 22.65
N CYS A 469 -20.69 -13.45 23.49
CA CYS A 469 -20.58 -14.80 22.98
C CYS A 469 -22.05 -15.24 22.83
N ILE A 470 -22.62 -15.04 21.64
CA ILE A 470 -24.02 -15.35 21.39
C ILE A 470 -24.19 -16.83 20.98
N THR A 471 -24.28 -17.71 21.99
CA THR A 471 -24.42 -19.15 21.82
C THR A 471 -25.50 -19.73 22.79
N ARG A 472 -25.97 -20.96 22.51
CA ARG A 472 -26.93 -21.70 23.31
C ARG A 472 -26.41 -21.90 24.74
N CYS A 473 -25.11 -22.20 24.87
CA CYS A 473 -24.48 -22.44 26.18
C CYS A 473 -24.45 -21.16 27.02
N ASN A 474 -24.18 -20.00 26.39
CA ASN A 474 -24.21 -18.73 27.09
C ASN A 474 -25.64 -18.34 27.48
N LEU A 475 -26.63 -18.65 26.61
CA LEU A 475 -28.04 -18.44 26.92
C LEU A 475 -28.40 -19.32 28.16
N GLY A 476 -27.92 -20.57 28.13
CA GLY A 476 -28.10 -21.57 29.17
C GLY A 476 -27.38 -21.30 30.48
N GLY A 477 -26.50 -20.30 30.50
CA GLY A 477 -25.79 -19.94 31.72
C GLY A 477 -24.29 -20.12 31.82
N ALA A 478 -23.66 -20.88 30.91
CA ALA A 478 -22.23 -21.17 31.00
C ALA A 478 -21.62 -21.58 29.64
N VAL A 479 -20.72 -20.76 29.10
CA VAL A 479 -20.08 -21.03 27.81
C VAL A 479 -19.31 -22.37 27.82
N CYS A 480 -19.60 -23.25 26.84
CA CYS A 480 -18.93 -24.53 26.74
C CYS A 480 -17.48 -24.35 26.20
N ARG A 481 -16.61 -25.35 26.35
CA ARG A 481 -15.22 -25.27 25.89
C ARG A 481 -15.09 -25.04 24.38
N HIS A 482 -15.88 -25.74 23.55
CA HIS A 482 -15.83 -25.57 22.10
C HIS A 482 -16.17 -24.14 21.71
N HIS A 483 -17.27 -23.60 22.27
CA HIS A 483 -17.68 -22.25 21.91
C HIS A 483 -16.73 -21.18 22.51
N ALA A 484 -16.05 -21.48 23.62
CA ALA A 484 -15.05 -20.58 24.19
C ALA A 484 -13.82 -20.54 23.24
N ASN A 485 -13.39 -21.71 22.71
CA ASN A 485 -12.23 -21.80 21.80
C ASN A 485 -12.53 -21.05 20.51
N GLU A 486 -13.74 -21.27 19.96
CA GLU A 486 -14.19 -20.64 18.73
C GLU A 486 -14.34 -19.14 18.90
N TYR A 487 -14.83 -18.70 20.07
CA TYR A 487 -14.99 -17.28 20.36
C TYR A 487 -13.62 -16.60 20.38
N ARG A 488 -12.64 -17.21 21.05
CA ARG A 488 -11.30 -16.63 21.15
C ARG A 488 -10.58 -16.59 19.82
N LEU A 489 -10.79 -17.60 18.98
CA LEU A 489 -10.22 -17.66 17.64
C LEU A 489 -10.86 -16.58 16.77
N TYR A 490 -12.20 -16.39 16.89
CA TYR A 490 -12.94 -15.38 16.15
C TYR A 490 -12.53 -13.97 16.57
N LEU A 491 -12.34 -13.75 17.87
CA LEU A 491 -11.90 -12.47 18.39
C LEU A 491 -10.50 -12.13 17.86
N ASP A 492 -9.60 -13.12 17.78
CA ASP A 492 -8.26 -12.90 17.23
C ASP A 492 -8.34 -12.48 15.75
N ALA A 493 -9.18 -13.18 14.96
CA ALA A 493 -9.35 -12.90 13.55
C ALA A 493 -9.94 -11.49 13.34
N TYR A 494 -10.96 -11.14 14.15
CA TYR A 494 -11.62 -9.86 14.14
C TYR A 494 -10.62 -8.72 14.39
N ASN A 495 -9.82 -8.82 15.48
CA ASN A 495 -8.84 -7.81 15.84
C ASN A 495 -7.74 -7.67 14.78
N MET A 496 -7.39 -8.76 14.10
CA MET A 496 -6.39 -8.79 13.05
C MET A 496 -6.89 -7.94 11.86
N MET A 497 -8.16 -8.14 11.48
CA MET A 497 -8.84 -7.45 10.38
C MET A 497 -8.96 -5.93 10.65
N ILE A 498 -9.33 -5.57 11.88
CA ILE A 498 -9.50 -4.17 12.29
C ILE A 498 -8.15 -3.46 12.29
N SER A 499 -7.13 -4.11 12.85
CA SER A 499 -5.79 -3.55 12.91
C SER A 499 -5.16 -3.42 11.52
N ALA A 500 -5.55 -4.27 10.55
CA ALA A 500 -5.12 -4.17 9.17
C ALA A 500 -5.69 -2.91 8.49
N GLY A 501 -6.75 -2.31 9.04
CA GLY A 501 -7.32 -1.09 8.48
C GLY A 501 -8.79 -1.15 8.10
N PHE A 502 -9.39 -2.33 8.15
CA PHE A 502 -10.79 -2.50 7.82
C PHE A 502 -11.73 -1.97 8.89
N SER A 503 -12.80 -1.32 8.47
CA SER A 503 -13.82 -0.77 9.36
C SER A 503 -15.16 -1.38 8.96
N LEU A 504 -16.00 -1.66 9.93
CA LEU A 504 -17.31 -2.30 9.71
C LEU A 504 -18.45 -1.42 10.16
N TRP A 505 -19.47 -1.35 9.33
CA TRP A 505 -20.63 -0.49 9.55
C TRP A 505 -21.90 -1.25 9.20
N VAL A 506 -23.01 -0.89 9.84
CA VAL A 506 -24.26 -1.61 9.67
C VAL A 506 -25.49 -0.69 9.80
N TYR A 507 -26.65 -1.14 9.28
CA TYR A 507 -27.91 -0.43 9.41
C TYR A 507 -28.22 -0.21 10.91
N LYS A 508 -28.73 0.98 11.25
CA LYS A 508 -28.98 1.39 12.64
C LYS A 508 -29.87 0.44 13.48
N GLN A 509 -30.78 -0.30 12.85
CA GLN A 509 -31.66 -1.23 13.56
C GLN A 509 -30.96 -2.53 13.94
N PHE A 510 -29.70 -2.78 13.46
CA PHE A 510 -28.98 -4.01 13.81
C PHE A 510 -28.85 -4.14 15.34
N ASP A 511 -29.30 -5.26 15.89
CA ASP A 511 -29.29 -5.48 17.33
C ASP A 511 -29.07 -6.95 17.57
N THR A 512 -27.94 -7.29 18.18
CA THR A 512 -27.62 -8.69 18.50
C THR A 512 -28.60 -9.33 19.50
N TYR A 513 -29.41 -8.52 20.24
CA TYR A 513 -30.42 -9.08 21.15
C TYR A 513 -31.40 -9.98 20.37
N ASN A 514 -31.63 -9.67 19.05
CA ASN A 514 -32.48 -10.47 18.18
C ASN A 514 -31.90 -11.85 17.80
N LEU A 515 -30.62 -12.11 18.09
CA LEU A 515 -30.02 -13.42 17.81
C LEU A 515 -30.33 -14.47 18.89
N TRP A 516 -30.59 -14.03 20.13
CA TRP A 516 -30.87 -14.98 21.22
C TRP A 516 -32.09 -15.87 20.95
N ASN A 517 -33.14 -15.32 20.28
CA ASN A 517 -34.34 -16.13 19.97
C ASN A 517 -34.16 -17.09 18.80
N THR A 518 -32.99 -17.11 18.14
CA THR A 518 -32.71 -18.15 17.14
C THR A 518 -32.36 -19.50 17.87
N PHE A 519 -32.32 -19.51 19.23
CA PHE A 519 -32.10 -20.66 20.10
C PHE A 519 -33.42 -20.87 20.85
N THR A 520 -34.27 -21.78 20.36
CA THR A 520 -35.59 -22.03 20.96
C THR A 520 -35.86 -23.53 21.12
ZN ZN B . 0.10 13.92 -4.37
ZN ZN C . -21.46 -24.09 23.49
ZN ZN D . 20.83 -9.71 6.20
P PO4 E . 9.83 -6.55 -3.79
O1 PO4 E . 10.34 -7.02 -2.38
O2 PO4 E . 8.22 -6.57 -3.84
O3 PO4 E . 10.42 -7.57 -4.86
O4 PO4 E . 10.27 -5.03 -4.07
P PO4 F . -18.36 -22.38 14.81
O1 PO4 F . -18.15 -23.78 15.48
O2 PO4 F . -19.92 -22.00 14.82
O3 PO4 F . -17.55 -21.23 15.58
O4 PO4 F . -17.85 -22.44 13.31
N1 LQ3 G . -11.23 -4.38 -2.93
C4 LQ3 G . -10.07 -6.20 -1.94
C5 LQ3 G . -11.11 -5.74 -2.79
C6 LQ3 G . -10.41 -3.48 -2.33
F1 LQ3 G . -8.28 -2.22 1.14
C1 LQ3 G . -9.17 -2.47 0.18
F2 LQ3 G . -9.59 -1.25 -0.22
O1 LQ3 G . -8.56 -3.08 -0.85
C2 LQ3 G . -9.37 -3.96 -1.52
C3 LQ3 G . -9.22 -5.32 -1.32
O2 LQ3 G . -11.92 -6.48 -3.42
N1 LQ3 H . 26.61 -0.39 -17.70
C4 LQ3 H . 27.56 0.23 -15.62
C5 LQ3 H . 27.67 0.15 -17.03
C6 LQ3 H . 25.50 -0.86 -17.08
F1 LQ3 H . 25.19 -2.51 -13.60
C1 LQ3 H . 24.16 -1.67 -13.88
F2 LQ3 H . 24.31 -0.63 -13.06
O1 LQ3 H . 24.23 -1.26 -15.17
C2 LQ3 H . 25.40 -0.78 -15.69
C3 LQ3 H . 26.45 -0.22 -14.96
O2 LQ3 H . 28.66 0.56 -17.70
#